data_4FUT
#
_entry.id   4FUT
#
_cell.length_a   173.140
_cell.length_b   173.140
_cell.length_c   47.739
_cell.angle_alpha   90.00
_cell.angle_beta   90.00
_cell.angle_gamma   120.00
#
_symmetry.space_group_name_H-M   'P 61'
#
loop_
_entity.id
_entity.type
_entity.pdbx_description
1 polymer 'Malonyl CoA synthetase'
2 non-polymer GLYCEROL
3 non-polymer 'MAGNESIUM ION'
4 non-polymer "ADENOSINE-5'-TRIPHOSPHATE"
5 water water
#
_entity_poly.entity_id   1
_entity_poly.type   'polypeptide(L)'
_entity_poly.pdbx_seq_one_letter_code
;MNANLFARLFD(MLY)LDDPH(MLY)LAIETAAGD(MLY)ISYAELVARAGRVANVLVARGLQVGDRVAAQTE(MLY)SV
EALVLYLATVRAGGVYLPLNTAYTLHELDYFITDAEP(MLY)IVVCDPS(MLY)RDGIAAIAA(MLY)VGATVETLGPDG
RGSLTDAAAGASEAFATIDRGADDLAAILYTSGTTGRS(MLY)GAMLSHDNLASNSLTLVDYWRFTPDDVLIHALPIYHT
HGLFVASNVTLFARGSMIFLP(MLY)FDPD(MLY)ILDLMARATVLMGVPTFYTRLLQSPRLT(MLY)ETTGHMRLFISG
SAPLLADTHREWSA(MLY)TGHAVLERYGMTETNMNTSNPYDGDRVPGAVGPALPGVSARVTDPETG(MLY)ELPRGDIG
MIEV(MLY)GPNVF(MLY)GYWRMPE(MLY)T(MLY)SEFRDDGFFITGDLG(MLY)IDERGYVHILGRG(MLY)DLVIT
GGFNVYP(MLY)EIESEIDAMPGVVESAVIGVPHADFGEGVTAVVVRD(MLY)GATIDEAQVLHGLDGQLA(MLY)F
(MLY)MP(MLY)(MLY)VIFVDDLPRNTMGAVQ(MLY)NVLRETY(MLY)DIY(MLY)
;
_entity_poly.pdbx_strand_id   A
#
loop_
_chem_comp.id
_chem_comp.type
_chem_comp.name
_chem_comp.formula
ATP non-polymer ADENOSINE-5'-TRIPHOSPHATE 'C10 H16 N5 O13 P3'
GOL non-polymer GLYCEROL 'C3 H8 O3'
MG non-polymer 'MAGNESIUM ION' 'Mg 2'
#
# COMPACT_ATOMS: atom_id res chain seq x y z
N MET A 1 27.36 8.85 -9.34
CA MET A 1 26.35 9.81 -8.90
C MET A 1 25.09 9.70 -9.76
N ASN A 2 24.97 8.61 -10.50
CA ASN A 2 23.73 8.30 -11.19
C ASN A 2 22.60 8.20 -10.16
N ALA A 3 21.52 8.94 -10.37
CA ALA A 3 20.38 8.86 -9.46
C ALA A 3 19.47 7.68 -9.76
N ASN A 4 19.71 7.00 -10.89
CA ASN A 4 18.88 5.85 -11.26
C ASN A 4 18.76 4.88 -10.07
N LEU A 5 17.53 4.61 -9.65
CA LEU A 5 17.29 3.71 -8.51
C LEU A 5 18.10 2.42 -8.63
N PHE A 6 18.17 1.84 -9.82
CA PHE A 6 18.90 0.57 -9.98
C PHE A 6 20.36 0.77 -9.63
N ALA A 7 20.93 1.89 -10.09
CA ALA A 7 22.32 2.19 -9.79
C ALA A 7 22.52 2.44 -8.29
N ARG A 8 21.61 3.19 -7.66
CA ARG A 8 21.70 3.45 -6.22
C ARG A 8 21.74 2.13 -5.49
N LEU A 9 20.85 1.22 -5.89
CA LEU A 9 20.76 -0.12 -5.31
C LEU A 9 22.00 -0.99 -5.54
N PHE A 10 22.53 -1.01 -6.76
CA PHE A 10 23.44 -2.09 -7.15
C PHE A 10 24.79 -1.71 -7.79
N ASP A 11 25.01 -0.44 -8.13
CA ASP A 11 26.27 -0.07 -8.79
CA ASP A 11 26.27 -0.02 -8.75
C ASP A 11 27.48 -0.51 -7.97
N MLY A 12 27.40 -0.32 -6.67
CA MLY A 12 28.43 -0.78 -5.74
CB MLY A 12 28.84 0.35 -4.78
CG MLY A 12 30.21 0.94 -5.06
CD MLY A 12 30.24 1.67 -6.40
CE MLY A 12 31.66 2.07 -6.78
NZ MLY A 12 31.69 2.92 -7.99
CH1 MLY A 12 31.25 4.26 -7.57
CH2 MLY A 12 33.10 3.05 -8.38
C MLY A 12 27.82 -1.92 -4.95
O MLY A 12 26.89 -1.71 -4.16
N LEU A 13 28.31 -3.13 -5.18
CA LEU A 13 27.76 -4.32 -4.55
C LEU A 13 28.90 -5.04 -3.86
N ASP A 14 29.05 -4.82 -2.55
CA ASP A 14 30.20 -5.33 -1.80
C ASP A 14 30.13 -6.84 -1.49
N ASP A 15 28.92 -7.36 -1.35
CA ASP A 15 28.76 -8.76 -0.97
C ASP A 15 27.84 -9.46 -1.99
N PRO A 16 28.36 -9.68 -3.21
CA PRO A 16 27.47 -10.08 -4.32
C PRO A 16 26.84 -11.46 -4.17
N HIS A 17 27.46 -12.36 -3.40
CA HIS A 17 26.93 -13.72 -3.35
C HIS A 17 25.95 -13.93 -2.20
N MLY A 18 25.71 -12.88 -1.43
CA MLY A 18 24.71 -12.92 -0.36
CB MLY A 18 24.75 -11.63 0.43
CG MLY A 18 23.82 -11.61 1.64
CD MLY A 18 24.57 -11.26 2.91
CE MLY A 18 23.71 -11.53 4.15
NZ MLY A 18 24.50 -11.39 5.41
CH1 MLY A 18 23.93 -12.35 6.37
CH2 MLY A 18 25.87 -11.83 5.13
C MLY A 18 23.31 -13.15 -0.94
O MLY A 18 23.00 -12.69 -2.04
N LEU A 19 22.47 -13.86 -0.19
CA LEU A 19 21.08 -14.11 -0.58
C LEU A 19 20.22 -12.83 -0.68
N ALA A 20 19.45 -12.70 -1.75
CA ALA A 20 18.52 -11.59 -1.90
C ALA A 20 17.08 -12.09 -1.86
N ILE A 21 16.80 -13.18 -2.57
CA ILE A 21 15.43 -13.66 -2.64
C ILE A 21 15.36 -15.18 -2.59
N GLU A 22 14.49 -15.70 -1.72
CA GLU A 22 14.12 -17.10 -1.76
C GLU A 22 12.71 -17.15 -2.31
N THR A 23 12.51 -17.91 -3.39
CA THR A 23 11.21 -18.01 -4.03
C THR A 23 10.30 -18.94 -3.24
N ALA A 24 9.02 -18.93 -3.60
CA ALA A 24 8.03 -19.79 -2.94
C ALA A 24 8.35 -21.27 -3.09
N ALA A 25 9.12 -21.62 -4.13
CA ALA A 25 9.51 -23.02 -4.33
C ALA A 25 10.78 -23.36 -3.57
N GLY A 26 11.42 -22.35 -2.98
CA GLY A 26 12.65 -22.59 -2.23
C GLY A 26 13.94 -22.35 -3.01
N ASP A 27 13.83 -21.86 -4.24
CA ASP A 27 15.04 -21.53 -5.00
C ASP A 27 15.66 -20.27 -4.41
N MLY A 28 16.98 -20.20 -4.43
CA MLY A 28 17.66 -19.05 -3.84
CB MLY A 28 18.55 -19.48 -2.67
CG MLY A 28 17.71 -19.91 -1.47
CD MLY A 28 18.50 -20.33 -0.27
CE MLY A 28 17.54 -20.76 0.82
NZ MLY A 28 18.24 -21.38 1.99
CH1 MLY A 28 19.17 -20.37 2.51
CH2 MLY A 28 17.20 -21.59 3.00
C MLY A 28 18.43 -18.22 -4.87
O MLY A 28 19.10 -18.78 -5.74
N ILE A 29 18.29 -16.91 -4.77
CA ILE A 29 18.86 -15.99 -5.75
C ILE A 29 19.72 -14.94 -5.05
N SER A 30 21.01 -14.89 -5.38
CA SER A 30 21.92 -13.92 -4.77
C SER A 30 21.71 -12.51 -5.34
N TYR A 31 22.32 -11.52 -4.71
CA TYR A 31 22.35 -10.17 -5.25
C TYR A 31 22.93 -10.15 -6.67
N ALA A 32 24.07 -10.80 -6.88
CA ALA A 32 24.67 -10.81 -8.22
C ALA A 32 23.75 -11.47 -9.25
N GLU A 33 23.10 -12.55 -8.84
CA GLU A 33 22.19 -13.25 -9.74
C GLU A 33 20.99 -12.36 -10.08
N LEU A 34 20.49 -11.64 -9.08
CA LEU A 34 19.35 -10.75 -9.30
C LEU A 34 19.74 -9.64 -10.29
N VAL A 35 20.92 -9.08 -10.10
CA VAL A 35 21.42 -8.03 -10.99
C VAL A 35 21.57 -8.56 -12.43
N ALA A 36 22.13 -9.76 -12.58
CA ALA A 36 22.27 -10.36 -13.91
C ALA A 36 20.92 -10.61 -14.59
N ARG A 37 19.96 -11.12 -13.83
CA ARG A 37 18.63 -11.33 -14.39
C ARG A 37 18.06 -10.03 -14.92
N ALA A 38 18.30 -8.94 -14.17
CA ALA A 38 17.73 -7.65 -14.54
C ALA A 38 18.44 -7.10 -15.78
N GLY A 39 19.72 -7.42 -15.91
CA GLY A 39 20.46 -7.00 -17.08
C GLY A 39 19.90 -7.65 -18.33
N ARG A 40 19.60 -8.95 -18.25
CA ARG A 40 19.01 -9.65 -19.39
C ARG A 40 17.69 -9.05 -19.79
N VAL A 41 16.82 -8.83 -18.80
CA VAL A 41 15.49 -8.31 -19.10
C VAL A 41 15.56 -6.87 -19.63
N ALA A 42 16.48 -6.07 -19.09
CA ALA A 42 16.67 -4.71 -19.59
C ALA A 42 17.05 -4.75 -21.07
N ASN A 43 17.95 -5.67 -21.44
CA ASN A 43 18.31 -5.85 -22.83
C ASN A 43 17.12 -6.28 -23.68
N VAL A 44 16.26 -7.13 -23.12
CA VAL A 44 15.04 -7.50 -23.84
C VAL A 44 14.15 -6.27 -24.08
N LEU A 45 14.00 -5.43 -23.06
CA LEU A 45 13.16 -4.25 -23.23
C LEU A 45 13.63 -3.38 -24.41
N VAL A 46 14.93 -3.10 -24.47
CA VAL A 46 15.50 -2.35 -25.61
C VAL A 46 15.25 -3.09 -26.94
N ALA A 47 15.42 -4.40 -26.95
CA ALA A 47 15.19 -5.19 -28.16
C ALA A 47 13.72 -5.17 -28.59
N ARG A 48 12.83 -4.82 -27.65
CA ARG A 48 11.40 -4.76 -27.96
C ARG A 48 10.92 -3.32 -28.07
N GLY A 49 11.85 -2.38 -28.28
CA GLY A 49 11.49 -1.03 -28.67
C GLY A 49 11.50 0.02 -27.57
N LEU A 50 11.92 -0.35 -26.36
CA LEU A 50 11.95 0.62 -25.28
C LEU A 50 12.90 1.78 -25.58
N GLN A 51 12.41 3.00 -25.39
CA GLN A 51 13.27 4.18 -25.41
C GLN A 51 13.19 4.83 -24.04
N VAL A 52 14.20 5.61 -23.66
CA VAL A 52 14.24 6.20 -22.33
C VAL A 52 12.97 7.02 -22.09
N GLY A 53 12.33 6.80 -20.95
CA GLY A 53 11.11 7.51 -20.62
C GLY A 53 9.83 6.75 -20.98
N ASP A 54 9.95 5.71 -21.80
CA ASP A 54 8.77 4.91 -22.17
C ASP A 54 8.23 4.18 -20.96
N ARG A 55 6.91 4.01 -20.92
CA ARG A 55 6.28 3.19 -19.88
C ARG A 55 6.25 1.71 -20.26
N VAL A 56 6.45 0.87 -19.25
CA VAL A 56 6.26 -0.58 -19.39
C VAL A 56 5.12 -0.95 -18.45
N ALA A 57 3.98 -1.35 -19.02
CA ALA A 57 2.82 -1.75 -18.21
C ALA A 57 2.87 -3.24 -17.97
N ALA A 58 2.66 -3.64 -16.72
CA ALA A 58 2.77 -5.05 -16.36
C ALA A 58 1.60 -5.50 -15.52
N GLN A 59 0.87 -6.49 -16.02
CA GLN A 59 -0.13 -7.16 -15.23
C GLN A 59 0.23 -8.63 -15.23
N THR A 60 0.84 -9.08 -14.13
CA THR A 60 1.25 -10.47 -14.03
C THR A 60 1.03 -10.95 -12.62
N GLU A 61 0.89 -12.26 -12.45
CA GLU A 61 0.89 -12.83 -11.12
C GLU A 61 2.24 -12.56 -10.51
N MLY A 62 2.31 -12.61 -9.20
CA MLY A 62 3.56 -12.32 -8.50
CB MLY A 62 3.29 -12.11 -7.03
CG MLY A 62 4.56 -12.06 -6.24
CD MLY A 62 4.55 -10.85 -5.34
CE MLY A 62 5.27 -11.16 -4.05
NZ MLY A 62 4.50 -12.16 -3.28
CH1 MLY A 62 4.41 -11.56 -1.97
CH2 MLY A 62 3.10 -12.15 -3.74
C MLY A 62 4.62 -13.43 -8.63
O MLY A 62 4.34 -14.60 -8.40
N SER A 63 5.85 -13.03 -8.97
CA SER A 63 6.97 -13.96 -9.06
C SER A 63 8.25 -13.16 -8.99
N VAL A 64 9.38 -13.84 -8.79
CA VAL A 64 10.65 -13.15 -8.85
C VAL A 64 10.86 -12.56 -10.26
N GLU A 65 10.39 -13.25 -11.30
CA GLU A 65 10.52 -12.69 -12.66
C GLU A 65 9.78 -11.35 -12.77
N ALA A 66 8.60 -11.26 -12.15
CA ALA A 66 7.87 -9.99 -12.17
C ALA A 66 8.61 -8.89 -11.42
N LEU A 67 9.28 -9.24 -10.33
CA LEU A 67 10.06 -8.22 -9.60
C LEU A 67 11.26 -7.79 -10.44
N VAL A 68 11.88 -8.74 -11.11
CA VAL A 68 12.99 -8.43 -12.00
C VAL A 68 12.57 -7.46 -13.12
N LEU A 69 11.34 -7.64 -13.63
CA LEU A 69 10.83 -6.76 -14.68
C LEU A 69 10.78 -5.32 -14.19
N TYR A 70 10.31 -5.14 -12.97
CA TYR A 70 10.32 -3.82 -12.32
C TYR A 70 11.74 -3.26 -12.29
N LEU A 71 12.68 -4.03 -11.75
CA LEU A 71 14.05 -3.56 -11.64
C LEU A 71 14.65 -3.22 -13.02
N ALA A 72 14.41 -4.10 -13.98
CA ALA A 72 14.96 -3.94 -15.34
C ALA A 72 14.40 -2.71 -16.05
N THR A 73 13.11 -2.45 -15.86
CA THR A 73 12.48 -1.31 -16.49
C THR A 73 13.14 -0.03 -16.00
N VAL A 74 13.31 0.06 -14.68
CA VAL A 74 13.93 1.23 -14.05
CA VAL A 74 13.90 1.28 -14.13
C VAL A 74 15.37 1.37 -14.54
N ARG A 75 16.08 0.24 -14.55
CA ARG A 75 17.47 0.22 -14.97
C ARG A 75 17.63 0.73 -16.41
N ALA A 76 16.69 0.38 -17.28
CA ALA A 76 16.77 0.73 -18.70
C ALA A 76 16.28 2.15 -18.99
N GLY A 77 15.96 2.89 -17.93
CA GLY A 77 15.51 4.27 -18.09
C GLY A 77 14.02 4.37 -18.40
N GLY A 78 13.32 3.25 -18.30
CA GLY A 78 11.89 3.23 -18.55
C GLY A 78 11.10 3.61 -17.31
N VAL A 79 9.78 3.62 -17.44
CA VAL A 79 8.91 4.00 -16.34
C VAL A 79 7.97 2.83 -16.05
N TYR A 80 8.19 2.19 -14.90
CA TYR A 80 7.47 0.95 -14.58
C TYR A 80 6.03 1.23 -14.14
N LEU A 81 5.09 0.47 -14.69
CA LEU A 81 3.67 0.70 -14.44
C LEU A 81 2.98 -0.63 -14.17
N PRO A 82 2.96 -1.04 -12.90
CA PRO A 82 2.33 -2.28 -12.45
C PRO A 82 0.82 -2.08 -12.41
N LEU A 83 0.06 -3.12 -12.72
CA LEU A 83 -1.38 -3.01 -12.74
C LEU A 83 -1.99 -4.17 -12.01
N ASN A 84 -2.95 -3.87 -11.15
CA ASN A 84 -3.67 -4.86 -10.37
C ASN A 84 -3.99 -6.08 -11.24
N THR A 85 -3.59 -7.25 -10.76
CA THR A 85 -3.79 -8.49 -11.48
CA THR A 85 -3.78 -8.51 -11.46
C THR A 85 -5.26 -8.82 -11.69
N ALA A 86 -6.14 -8.14 -10.94
CA ALA A 86 -7.57 -8.41 -11.06
C ALA A 86 -8.30 -7.57 -12.11
N TYR A 87 -7.65 -6.53 -12.63
CA TYR A 87 -8.30 -5.70 -13.66
C TYR A 87 -8.72 -6.54 -14.86
N THR A 88 -9.93 -6.32 -15.35
CA THR A 88 -10.42 -7.00 -16.54
C THR A 88 -9.88 -6.33 -17.79
N LEU A 89 -10.06 -6.97 -18.94
CA LEU A 89 -9.67 -6.38 -20.22
C LEU A 89 -10.19 -4.95 -20.36
N HIS A 90 -11.47 -4.75 -20.07
CA HIS A 90 -12.08 -3.45 -20.25
C HIS A 90 -11.42 -2.40 -19.35
N GLU A 91 -11.16 -2.78 -18.11
CA GLU A 91 -10.50 -1.88 -17.17
C GLU A 91 -9.09 -1.56 -17.62
N LEU A 92 -8.38 -2.58 -18.13
CA LEU A 92 -7.01 -2.40 -18.62
C LEU A 92 -6.94 -1.41 -19.76
N ASP A 93 -7.97 -1.39 -20.58
CA ASP A 93 -8.04 -0.48 -21.72
C ASP A 93 -7.85 0.95 -21.24
N TYR A 94 -8.45 1.28 -20.11
CA TYR A 94 -8.36 2.62 -19.58
C TYR A 94 -6.91 2.97 -19.23
N PHE A 95 -6.25 2.10 -18.47
CA PHE A 95 -4.88 2.36 -18.05
C PHE A 95 -3.89 2.38 -19.21
N ILE A 96 -4.06 1.47 -20.15
CA ILE A 96 -3.16 1.40 -21.29
C ILE A 96 -3.31 2.62 -22.18
N THR A 97 -4.56 3.04 -22.36
CA THR A 97 -4.86 4.25 -23.13
C THR A 97 -4.33 5.49 -22.42
N ASP A 98 -4.47 5.53 -21.10
CA ASP A 98 -4.01 6.69 -20.35
C ASP A 98 -2.49 6.82 -20.40
N ALA A 99 -1.80 5.72 -20.12
CA ALA A 99 -0.34 5.70 -19.99
C ALA A 99 0.44 5.57 -21.30
N GLU A 100 -0.20 5.05 -22.35
CA GLU A 100 0.48 4.80 -23.62
C GLU A 100 1.85 4.11 -23.46
N PRO A 101 1.87 2.94 -22.80
CA PRO A 101 3.11 2.18 -22.66
C PRO A 101 3.64 1.74 -24.03
N MLY A 102 4.95 1.60 -24.14
CA MLY A 102 5.59 1.05 -25.33
CB MLY A 102 7.05 1.54 -25.40
CG MLY A 102 7.86 0.94 -26.55
CD MLY A 102 7.29 1.33 -27.91
CE MLY A 102 8.01 0.56 -29.01
NZ MLY A 102 7.70 1.03 -30.40
CH1 MLY A 102 8.08 -0.06 -31.30
CH2 MLY A 102 6.25 1.20 -30.51
C MLY A 102 5.56 -0.47 -25.27
O MLY A 102 5.53 -1.16 -26.29
N ILE A 103 5.60 -0.99 -24.05
CA ILE A 103 5.59 -2.43 -23.84
C ILE A 103 4.55 -2.80 -22.79
N VAL A 104 3.83 -3.89 -23.05
CA VAL A 104 2.87 -4.41 -22.09
C VAL A 104 3.22 -5.85 -21.80
N VAL A 105 3.34 -6.21 -20.54
CA VAL A 105 3.63 -7.59 -20.17
C VAL A 105 2.42 -8.15 -19.42
N CYS A 106 1.94 -9.30 -19.88
CA CYS A 106 0.71 -9.85 -19.33
C CYS A 106 0.78 -11.37 -19.20
N ASP A 107 -0.25 -11.96 -18.61
CA ASP A 107 -0.29 -13.40 -18.42
C ASP A 107 -0.52 -14.08 -19.77
N PRO A 108 0.15 -15.20 -20.03
CA PRO A 108 -0.05 -15.90 -21.30
C PRO A 108 -1.52 -16.12 -21.62
N SER A 109 -2.36 -16.31 -20.61
CA SER A 109 -3.76 -16.68 -20.87
C SER A 109 -4.56 -15.49 -21.38
N MLY A 110 -4.02 -14.29 -21.25
CA MLY A 110 -4.74 -13.09 -21.68
CB MLY A 110 -4.74 -12.04 -20.57
CG MLY A 110 -5.45 -12.45 -19.30
CD MLY A 110 -5.53 -11.26 -18.36
CE MLY A 110 -6.01 -11.68 -16.99
NZ MLY A 110 -6.63 -10.55 -16.26
CH1 MLY A 110 -7.98 -10.40 -16.81
CH2 MLY A 110 -6.82 -11.04 -14.88
C MLY A 110 -4.15 -12.45 -22.91
O MLY A 110 -4.57 -11.36 -23.32
N ARG A 111 -3.14 -13.08 -23.51
CA ARG A 111 -2.37 -12.40 -24.53
C ARG A 111 -3.23 -11.87 -25.68
N ASP A 112 -4.09 -12.72 -26.22
CA ASP A 112 -4.90 -12.31 -27.37
C ASP A 112 -5.76 -11.08 -27.07
N GLY A 113 -6.47 -11.10 -25.95
CA GLY A 113 -7.30 -9.97 -25.56
C GLY A 113 -6.49 -8.69 -25.34
N ILE A 114 -5.35 -8.82 -24.69
CA ILE A 114 -4.53 -7.66 -24.36
C ILE A 114 -3.85 -7.09 -25.61
N ALA A 115 -3.47 -7.97 -26.52
CA ALA A 115 -2.87 -7.55 -27.79
C ALA A 115 -3.79 -6.59 -28.54
N ALA A 116 -5.09 -6.81 -28.46
CA ALA A 116 -6.06 -5.92 -29.12
C ALA A 116 -6.00 -4.51 -28.53
N ILE A 117 -6.01 -4.41 -27.21
CA ILE A 117 -5.88 -3.14 -26.51
C ILE A 117 -4.54 -2.48 -26.80
N ALA A 118 -3.48 -3.30 -26.79
CA ALA A 118 -2.14 -2.80 -26.97
C ALA A 118 -1.94 -2.18 -28.35
N ALA A 119 -2.62 -2.74 -29.34
CA ALA A 119 -2.50 -2.26 -30.72
C ALA A 119 -3.01 -0.82 -30.85
N MLY A 120 -3.91 -0.42 -29.96
CA MLY A 120 -4.46 0.92 -29.99
CB MLY A 120 -5.62 1.08 -28.99
CG MLY A 120 -6.85 0.27 -29.36
CD MLY A 120 -7.90 0.28 -28.25
CE MLY A 120 -8.32 1.70 -27.91
NZ MLY A 120 -9.34 1.72 -26.80
CH1 MLY A 120 -9.60 3.13 -26.50
CH2 MLY A 120 -10.57 1.14 -27.34
C MLY A 120 -3.38 1.99 -29.72
O MLY A 120 -3.49 3.10 -30.21
N VAL A 121 -2.35 1.63 -28.95
CA VAL A 121 -1.29 2.58 -28.68
C VAL A 121 0.03 2.14 -29.29
N GLY A 122 -0.02 1.05 -30.06
CA GLY A 122 1.16 0.57 -30.76
C GLY A 122 2.18 -0.09 -29.84
N ALA A 123 1.72 -0.65 -28.73
CA ALA A 123 2.61 -1.29 -27.78
C ALA A 123 2.95 -2.71 -28.21
N THR A 124 4.15 -3.15 -27.84
CA THR A 124 4.57 -4.53 -28.04
C THR A 124 4.17 -5.34 -26.82
N VAL A 125 3.65 -6.55 -27.04
CA VAL A 125 3.19 -7.40 -25.96
C VAL A 125 4.11 -8.60 -25.72
N GLU A 126 4.55 -8.76 -24.46
CA GLU A 126 5.30 -9.96 -24.03
C GLU A 126 4.51 -10.63 -22.92
N THR A 127 4.81 -11.89 -22.64
CA THR A 127 4.06 -12.59 -21.60
C THR A 127 4.94 -13.14 -20.48
N LEU A 128 4.33 -13.25 -19.30
CA LEU A 128 5.03 -13.78 -18.14
C LEU A 128 3.95 -14.39 -17.23
N GLY A 129 4.03 -15.70 -17.02
CA GLY A 129 3.03 -16.40 -16.23
C GLY A 129 3.38 -16.50 -14.76
N PRO A 130 2.51 -17.13 -13.97
CA PRO A 130 2.73 -17.27 -12.52
C PRO A 130 3.99 -18.08 -12.24
N ASP A 131 4.36 -18.90 -13.20
CA ASP A 131 5.52 -19.78 -13.07
C ASP A 131 6.82 -19.12 -13.56
N GLY A 132 6.75 -17.85 -13.97
CA GLY A 132 7.94 -17.17 -14.44
C GLY A 132 8.30 -17.54 -15.88
N ARG A 133 7.39 -18.23 -16.55
CA ARG A 133 7.61 -18.59 -17.95
C ARG A 133 6.80 -17.67 -18.87
N GLY A 134 7.19 -17.62 -20.15
CA GLY A 134 6.48 -16.83 -21.14
C GLY A 134 7.43 -16.27 -22.17
N SER A 135 6.92 -15.42 -23.07
CA SER A 135 7.75 -14.88 -24.14
C SER A 135 8.84 -13.95 -23.59
N LEU A 136 8.55 -13.27 -22.48
CA LEU A 136 9.56 -12.39 -21.88
C LEU A 136 10.76 -13.21 -21.44
N THR A 137 10.47 -14.34 -20.80
CA THR A 137 11.49 -15.26 -20.29
C THR A 137 12.29 -15.93 -21.41
N ASP A 138 11.60 -16.31 -22.48
CA ASP A 138 12.27 -16.84 -23.67
C ASP A 138 13.26 -15.83 -24.22
N ALA A 139 12.83 -14.58 -24.36
CA ALA A 139 13.67 -13.53 -24.90
C ALA A 139 14.88 -13.28 -23.99
N ALA A 140 14.67 -13.32 -22.67
CA ALA A 140 15.78 -13.06 -21.74
C ALA A 140 16.81 -14.17 -21.71
N ALA A 141 16.41 -15.39 -22.09
CA ALA A 141 17.30 -16.54 -22.03
C ALA A 141 18.53 -16.37 -22.94
N GLY A 142 18.33 -15.75 -24.10
CA GLY A 142 19.43 -15.53 -25.02
C GLY A 142 20.10 -14.16 -24.92
N ALA A 143 19.56 -13.27 -24.08
CA ALA A 143 20.08 -11.91 -23.94
C ALA A 143 21.36 -11.84 -23.13
N SER A 144 22.10 -10.77 -23.30
CA SER A 144 23.33 -10.52 -22.51
CA SER A 144 23.31 -10.57 -22.50
C SER A 144 22.99 -10.03 -21.11
N GLU A 145 23.79 -10.42 -20.12
CA GLU A 145 23.60 -9.93 -18.76
C GLU A 145 24.12 -8.51 -18.60
N ALA A 146 25.17 -8.15 -19.33
CA ALA A 146 25.75 -6.82 -19.20
C ALA A 146 24.79 -5.74 -19.73
N PHE A 147 24.60 -4.69 -18.92
CA PHE A 147 23.75 -3.59 -19.34
C PHE A 147 24.23 -2.30 -18.69
N ALA A 148 24.47 -1.26 -19.48
CA ALA A 148 24.89 0.01 -18.90
C ALA A 148 23.66 0.73 -18.35
N THR A 149 23.53 0.72 -17.03
CA THR A 149 22.39 1.36 -16.38
C THR A 149 22.25 2.82 -16.83
N ILE A 150 21.05 3.21 -17.22
CA ILE A 150 20.83 4.51 -17.85
C ILE A 150 20.97 5.67 -16.85
N ASP A 151 21.64 6.73 -17.25
CA ASP A 151 21.76 7.90 -16.39
CA ASP A 151 21.76 7.91 -16.41
C ASP A 151 20.39 8.53 -16.19
N ARG A 152 20.02 8.76 -14.92
CA ARG A 152 18.76 9.44 -14.60
C ARG A 152 19.01 10.46 -13.50
N GLY A 153 18.26 11.57 -13.53
CA GLY A 153 18.36 12.58 -12.51
C GLY A 153 17.36 12.33 -11.39
N ALA A 154 17.53 13.02 -10.28
CA ALA A 154 16.71 12.80 -9.10
C ALA A 154 15.22 12.86 -9.42
N ASP A 155 14.84 13.83 -10.25
CA ASP A 155 13.42 14.07 -10.54
C ASP A 155 12.88 13.30 -11.74
N ASP A 156 13.74 12.60 -12.46
CA ASP A 156 13.29 11.78 -13.58
C ASP A 156 12.34 10.68 -13.09
N LEU A 157 11.40 10.29 -13.94
CA LEU A 157 10.44 9.27 -13.54
C LEU A 157 11.05 7.88 -13.48
N ALA A 158 10.63 7.12 -12.48
CA ALA A 158 10.99 5.71 -12.36
C ALA A 158 9.74 4.85 -12.48
N ALA A 159 8.59 5.42 -12.12
CA ALA A 159 7.36 4.63 -12.09
C ALA A 159 6.09 5.47 -12.13
N ILE A 160 5.00 4.84 -12.56
CA ILE A 160 3.66 5.42 -12.43
C ILE A 160 2.81 4.35 -11.78
N LEU A 161 2.32 4.63 -10.57
CA LEU A 161 1.41 3.72 -9.90
C LEU A 161 0.05 4.36 -9.81
N TYR A 162 -0.96 3.62 -10.21
CA TYR A 162 -2.33 4.09 -10.10
C TYR A 162 -2.83 3.83 -8.69
N THR A 163 -3.58 4.80 -8.17
CA THR A 163 -4.11 4.70 -6.82
C THR A 163 -5.08 3.52 -6.76
N SER A 164 -5.55 3.17 -5.57
CA SER A 164 -6.33 1.95 -5.40
C SER A 164 -7.77 2.09 -5.89
N GLY A 165 -8.20 3.32 -6.18
CA GLY A 165 -9.55 3.58 -6.67
C GLY A 165 -10.61 3.67 -5.59
N THR A 166 -10.19 3.83 -4.34
CA THR A 166 -11.14 3.90 -3.22
C THR A 166 -12.14 5.05 -3.36
N THR A 167 -11.67 6.23 -3.75
CA THR A 167 -12.53 7.42 -3.81
C THR A 167 -12.96 7.81 -5.21
N GLY A 168 -12.68 6.97 -6.19
CA GLY A 168 -13.00 7.26 -7.58
C GLY A 168 -12.12 6.47 -8.52
N ARG A 169 -12.12 6.83 -9.80
CA ARG A 169 -11.24 6.16 -10.77
C ARG A 169 -9.80 6.36 -10.34
N SER A 170 -9.00 5.30 -10.43
CA SER A 170 -7.59 5.40 -10.06
C SER A 170 -6.88 6.46 -10.90
N MLY A 171 -5.99 7.23 -10.26
CA MLY A 171 -5.17 8.22 -10.96
CB MLY A 171 -5.27 9.58 -10.27
CG MLY A 171 -6.68 10.14 -10.19
CD MLY A 171 -6.81 11.20 -9.10
CE MLY A 171 -6.53 10.59 -7.72
NZ MLY A 171 -7.14 11.39 -6.62
CH1 MLY A 171 -7.18 12.79 -7.07
CH2 MLY A 171 -8.54 10.95 -6.51
C MLY A 171 -3.70 7.77 -10.98
O MLY A 171 -3.25 7.08 -10.06
N GLY A 172 -2.95 8.16 -12.01
CA GLY A 172 -1.57 7.73 -12.17
C GLY A 172 -0.55 8.63 -11.51
N ALA A 173 -0.01 8.17 -10.40
CA ALA A 173 0.98 8.96 -9.67
C ALA A 173 2.38 8.83 -10.29
N MET A 174 2.98 9.96 -10.67
CA MET A 174 4.31 9.95 -11.27
C MET A 174 5.39 9.95 -10.19
N LEU A 175 6.13 8.85 -10.09
CA LEU A 175 7.12 8.67 -9.02
C LEU A 175 8.54 8.75 -9.56
N SER A 176 9.36 9.60 -8.95
CA SER A 176 10.72 9.82 -9.43
C SER A 176 11.71 8.85 -8.81
N HIS A 177 12.91 8.79 -9.38
CA HIS A 177 13.97 7.99 -8.82
C HIS A 177 14.29 8.41 -7.38
N ASP A 178 14.34 9.72 -7.14
CA ASP A 178 14.60 10.18 -5.78
C ASP A 178 13.43 9.95 -4.80
N ASN A 179 12.19 10.01 -5.29
CA ASN A 179 11.04 9.68 -4.44
C ASN A 179 11.28 8.31 -3.82
N LEU A 180 11.65 7.34 -4.67
CA LEU A 180 11.75 5.95 -4.25
C LEU A 180 13.01 5.67 -3.44
N ALA A 181 14.15 6.21 -3.90
CA ALA A 181 15.39 5.98 -3.20
C ALA A 181 15.41 6.68 -1.84
N SER A 182 14.95 7.93 -1.78
CA SER A 182 15.05 8.67 -0.53
C SER A 182 14.20 7.98 0.55
N ASN A 183 13.01 7.54 0.16
CA ASN A 183 12.08 6.97 1.12
C ASN A 183 12.60 5.65 1.67
N SER A 184 13.05 4.77 0.78
CA SER A 184 13.51 3.45 1.21
C SER A 184 14.82 3.54 2.02
N LEU A 185 15.72 4.44 1.62
CA LEU A 185 16.94 4.66 2.39
C LEU A 185 16.63 5.14 3.82
N THR A 186 15.66 6.04 3.94
CA THR A 186 15.24 6.53 5.25
C THR A 186 14.69 5.39 6.10
N LEU A 187 13.85 4.55 5.49
CA LEU A 187 13.24 3.44 6.21
C LEU A 187 14.25 2.38 6.66
N VAL A 188 15.25 2.09 5.84
CA VAL A 188 16.29 1.15 6.25
C VAL A 188 16.86 1.54 7.62
N ASP A 189 17.21 2.80 7.77
CA ASP A 189 17.79 3.29 9.03
C ASP A 189 16.74 3.32 10.13
N TYR A 190 15.57 3.85 9.80
CA TYR A 190 14.53 4.08 10.80
C TYR A 190 13.98 2.78 11.40
N TRP A 191 13.91 1.74 10.60
CA TRP A 191 13.43 0.44 11.06
C TRP A 191 14.60 -0.51 11.40
N ARG A 192 15.81 0.02 11.38
CA ARG A 192 17.05 -0.76 11.60
C ARG A 192 17.14 -2.08 10.82
N PHE A 193 16.90 -2.03 9.51
CA PHE A 193 17.11 -3.22 8.66
C PHE A 193 18.59 -3.43 8.47
N THR A 194 19.02 -4.69 8.48
CA THR A 194 20.43 -5.00 8.28
C THR A 194 20.55 -6.19 7.33
N PRO A 195 21.78 -6.55 6.94
CA PRO A 195 21.93 -7.68 6.01
C PRO A 195 21.42 -8.99 6.61
N ASP A 196 21.26 -9.05 7.94
CA ASP A 196 20.75 -10.27 8.57
C ASP A 196 19.23 -10.42 8.50
N ASP A 197 18.53 -9.37 8.11
CA ASP A 197 17.08 -9.47 8.10
C ASP A 197 16.57 -10.40 7.00
N VAL A 198 15.47 -11.08 7.31
CA VAL A 198 14.78 -11.97 6.40
C VAL A 198 13.32 -11.58 6.43
N LEU A 199 12.84 -11.00 5.34
CA LEU A 199 11.48 -10.45 5.30
C LEU A 199 10.55 -11.46 4.66
N ILE A 200 9.51 -11.86 5.41
CA ILE A 200 8.42 -12.63 4.84
C ILE A 200 7.58 -11.69 3.96
N HIS A 201 7.58 -11.95 2.65
CA HIS A 201 6.92 -11.09 1.67
C HIS A 201 5.71 -11.76 1.05
N ALA A 202 4.53 -11.45 1.60
CA ALA A 202 3.29 -12.09 1.15
C ALA A 202 2.29 -11.06 0.60
N LEU A 203 2.79 -9.93 0.14
CA LEU A 203 1.94 -8.84 -0.33
C LEU A 203 1.94 -8.78 -1.86
N PRO A 204 0.89 -8.18 -2.45
CA PRO A 204 0.91 -7.98 -3.90
C PRO A 204 1.98 -6.96 -4.30
N ILE A 205 2.58 -7.13 -5.48
CA ILE A 205 3.61 -6.19 -5.91
C ILE A 205 3.13 -5.20 -6.97
N TYR A 206 1.80 -5.04 -7.10
CA TYR A 206 1.30 -3.95 -7.94
C TYR A 206 0.99 -2.73 -7.08
N HIS A 207 1.19 -2.87 -5.78
CA HIS A 207 0.87 -1.81 -4.82
C HIS A 207 2.16 -1.30 -4.16
N THR A 208 2.18 -0.03 -3.77
CA THR A 208 3.36 0.60 -3.22
C THR A 208 3.95 -0.19 -2.05
N HIS A 209 3.10 -0.81 -1.24
CA HIS A 209 3.59 -1.49 -0.04
C HIS A 209 4.49 -2.68 -0.42
N GLY A 210 3.92 -3.63 -1.17
CA GLY A 210 4.67 -4.82 -1.56
C GLY A 210 5.75 -4.53 -2.59
N LEU A 211 5.53 -3.57 -3.46
CA LEU A 211 6.52 -3.30 -4.51
C LEU A 211 7.71 -2.51 -3.99
N PHE A 212 7.46 -1.33 -3.44
CA PHE A 212 8.55 -0.43 -3.06
C PHE A 212 9.01 -0.60 -1.61
N VAL A 213 8.06 -0.57 -0.68
CA VAL A 213 8.45 -0.58 0.72
C VAL A 213 9.12 -1.91 1.07
N ALA A 214 8.48 -3.02 0.72
CA ALA A 214 9.07 -4.32 1.02
C ALA A 214 10.38 -4.51 0.27
N SER A 215 10.36 -4.32 -1.06
CA SER A 215 11.51 -4.68 -1.90
C SER A 215 12.69 -3.72 -1.77
N ASN A 216 12.42 -2.43 -1.91
CA ASN A 216 13.50 -1.45 -1.87
C ASN A 216 14.20 -1.40 -0.51
N VAL A 217 13.44 -1.45 0.58
CA VAL A 217 14.07 -1.48 1.90
C VAL A 217 14.98 -2.69 2.07
N THR A 218 14.46 -3.88 1.75
CA THR A 218 15.27 -5.11 1.85
C THR A 218 16.54 -5.02 1.00
N LEU A 219 16.38 -4.60 -0.24
CA LEU A 219 17.48 -4.59 -1.19
C LEU A 219 18.55 -3.55 -0.82
N PHE A 220 18.15 -2.36 -0.39
CA PHE A 220 19.13 -1.39 0.11
C PHE A 220 19.86 -1.92 1.35
N ALA A 221 19.14 -2.63 2.20
CA ALA A 221 19.70 -3.11 3.46
C ALA A 221 20.63 -4.30 3.26
N ARG A 222 20.56 -4.91 2.07
CA ARG A 222 21.29 -6.14 1.76
C ARG A 222 20.76 -7.34 2.54
N GLY A 223 19.53 -7.22 3.04
CA GLY A 223 18.87 -8.36 3.65
C GLY A 223 18.25 -9.23 2.56
N SER A 224 17.33 -10.11 2.92
CA SER A 224 16.70 -10.95 1.92
C SER A 224 15.22 -11.04 2.17
N MET A 225 14.49 -11.59 1.22
CA MET A 225 13.08 -11.83 1.47
C MET A 225 12.69 -13.23 1.02
N ILE A 226 11.60 -13.71 1.59
CA ILE A 226 11.01 -14.97 1.17
C ILE A 226 9.65 -14.65 0.53
N PHE A 227 9.50 -15.01 -0.75
CA PHE A 227 8.25 -14.78 -1.46
C PHE A 227 7.17 -15.81 -1.10
N LEU A 228 5.96 -15.33 -0.91
CA LEU A 228 4.79 -16.18 -0.89
C LEU A 228 3.80 -15.57 -1.88
N PRO A 229 3.04 -16.41 -2.58
CA PRO A 229 2.13 -15.86 -3.60
C PRO A 229 1.05 -14.98 -3.01
N MLY A 230 0.63 -15.28 -1.78
CA MLY A 230 -0.45 -14.53 -1.17
CB MLY A 230 -1.80 -14.95 -1.78
CG MLY A 230 -2.01 -16.46 -1.78
CD MLY A 230 -3.30 -16.85 -1.07
CE MLY A 230 -4.49 -16.86 -2.02
NZ MLY A 230 -4.84 -18.24 -2.46
CH1 MLY A 230 -5.73 -18.80 -1.44
CH2 MLY A 230 -5.62 -18.12 -3.69
C MLY A 230 -0.47 -14.78 0.32
O MLY A 230 0.32 -15.59 0.83
N PHE A 231 -1.36 -14.11 1.04
CA PHE A 231 -1.49 -14.33 2.47
C PHE A 231 -1.90 -15.77 2.71
N ASP A 232 -1.08 -16.51 3.44
CA ASP A 232 -1.42 -17.85 3.89
C ASP A 232 -0.97 -17.93 5.34
N PRO A 233 -1.94 -17.96 6.27
CA PRO A 233 -1.62 -17.91 7.69
C PRO A 233 -0.63 -18.99 8.13
N ASP A 234 -0.87 -20.24 7.72
CA ASP A 234 -0.02 -21.34 8.17
C ASP A 234 1.39 -21.29 7.59
N MLY A 235 1.51 -20.87 6.33
CA MLY A 235 2.83 -20.75 5.72
CB MLY A 235 2.72 -20.61 4.21
CG MLY A 235 2.15 -21.86 3.58
CD MLY A 235 1.95 -21.76 2.07
CE MLY A 235 1.14 -22.98 1.60
NZ MLY A 235 1.19 -23.21 0.13
CH1 MLY A 235 0.89 -21.94 -0.53
CH2 MLY A 235 2.58 -23.56 -0.18
C MLY A 235 3.61 -19.59 6.35
O MLY A 235 4.79 -19.73 6.63
N ILE A 236 2.93 -18.47 6.59
CA ILE A 236 3.55 -17.36 7.29
C ILE A 236 4.04 -17.78 8.69
N LEU A 237 3.16 -18.43 9.46
CA LEU A 237 3.57 -18.94 10.77
C LEU A 237 4.77 -19.88 10.68
N ASP A 238 4.74 -20.79 9.71
CA ASP A 238 5.86 -21.72 9.50
C ASP A 238 7.17 -20.95 9.33
N LEU A 239 7.13 -19.89 8.53
CA LEU A 239 8.35 -19.14 8.18
C LEU A 239 8.94 -18.29 9.31
N MET A 240 8.13 -17.96 10.30
CA MET A 240 8.61 -17.07 11.35
C MET A 240 9.80 -17.65 12.11
N ALA A 241 9.89 -18.97 12.19
CA ALA A 241 11.03 -19.61 12.86
C ALA A 241 12.36 -19.34 12.17
N ARG A 242 12.32 -18.97 10.89
CA ARG A 242 13.56 -18.66 10.17
C ARG A 242 13.50 -17.31 9.45
N ALA A 243 12.68 -16.39 9.95
CA ALA A 243 12.64 -15.04 9.37
C ALA A 243 12.69 -14.02 10.50
N THR A 244 12.80 -12.74 10.14
CA THR A 244 12.90 -11.72 11.19
C THR A 244 11.85 -10.62 11.09
N VAL A 245 11.28 -10.42 9.90
CA VAL A 245 10.33 -9.31 9.72
C VAL A 245 9.13 -9.75 8.90
N LEU A 246 7.95 -9.27 9.30
CA LEU A 246 6.75 -9.42 8.50
C LEU A 246 6.18 -8.05 8.24
N MET A 247 5.97 -7.72 6.98
CA MET A 247 5.18 -6.53 6.62
C MET A 247 3.78 -7.00 6.25
N GLY A 248 2.76 -6.43 6.89
CA GLY A 248 1.40 -6.83 6.59
C GLY A 248 0.42 -5.66 6.59
N VAL A 249 -0.82 -5.95 6.21
CA VAL A 249 -1.92 -5.00 6.39
C VAL A 249 -2.72 -5.49 7.60
N PRO A 250 -3.60 -4.64 8.14
CA PRO A 250 -4.34 -5.06 9.33
C PRO A 250 -5.03 -6.42 9.20
N THR A 251 -5.58 -6.75 8.03
CA THR A 251 -6.22 -8.05 7.83
CA THR A 251 -6.22 -8.05 7.87
C THR A 251 -5.25 -9.21 8.09
N PHE A 252 -3.95 -9.00 7.85
CA PHE A 252 -2.97 -10.03 8.15
C PHE A 252 -3.04 -10.36 9.63
N TYR A 253 -3.05 -9.31 10.45
CA TYR A 253 -2.98 -9.47 11.90
C TYR A 253 -4.28 -10.01 12.50
N THR A 254 -5.42 -9.51 12.04
CA THR A 254 -6.68 -10.02 12.57
C THR A 254 -6.86 -11.49 12.16
N ARG A 255 -6.43 -11.85 10.95
CA ARG A 255 -6.48 -13.25 10.52
C ARG A 255 -5.50 -14.14 11.29
N LEU A 256 -4.25 -13.68 11.45
CA LEU A 256 -3.29 -14.45 12.23
C LEU A 256 -3.76 -14.65 13.66
N LEU A 257 -4.45 -13.65 14.22
CA LEU A 257 -4.96 -13.75 15.57
C LEU A 257 -5.99 -14.87 15.73
N GLN A 258 -6.55 -15.32 14.62
CA GLN A 258 -7.52 -16.43 14.67
C GLN A 258 -6.86 -17.81 14.72
N SER A 259 -5.55 -17.88 14.48
CA SER A 259 -4.85 -19.17 14.50
C SER A 259 -4.45 -19.61 15.90
N PRO A 260 -4.76 -20.87 16.25
CA PRO A 260 -4.35 -21.38 17.56
C PRO A 260 -2.83 -21.54 17.61
N ARG A 261 -2.17 -21.45 16.47
CA ARG A 261 -0.72 -21.59 16.42
C ARG A 261 0.00 -20.28 16.76
N LEU A 262 -0.73 -19.17 16.81
CA LEU A 262 -0.09 -17.89 17.06
C LEU A 262 0.21 -17.72 18.55
N THR A 263 1.46 -17.94 18.93
CA THR A 263 1.84 -17.92 20.33
C THR A 263 3.19 -17.20 20.47
N MLY A 264 3.60 -16.97 21.70
CA MLY A 264 4.94 -16.40 21.93
CB MLY A 264 5.21 -16.22 23.43
CG MLY A 264 6.64 -15.71 23.73
CD MLY A 264 6.86 -14.28 23.25
CE MLY A 264 8.29 -13.81 23.54
NZ MLY A 264 8.53 -12.40 23.11
CH1 MLY A 264 8.07 -12.22 21.73
CH2 MLY A 264 7.72 -11.52 23.97
C MLY A 264 6.02 -17.28 21.29
O MLY A 264 6.89 -16.79 20.59
N GLU A 265 5.92 -18.59 21.51
CA GLU A 265 6.91 -19.53 20.98
CA GLU A 265 6.93 -19.50 20.97
C GLU A 265 6.98 -19.50 19.44
N THR A 266 5.82 -19.48 18.79
CA THR A 266 5.79 -19.48 17.35
C THR A 266 6.39 -18.20 16.75
N THR A 267 6.31 -17.10 17.48
CA THR A 267 6.80 -15.82 16.96
C THR A 267 8.12 -15.38 17.59
N GLY A 268 8.74 -16.23 18.40
CA GLY A 268 9.85 -15.81 19.23
C GLY A 268 11.12 -15.42 18.51
N HIS A 269 11.25 -15.89 17.28
CA HIS A 269 12.46 -15.63 16.50
C HIS A 269 12.35 -14.29 15.77
N MET A 270 11.15 -13.72 15.70
CA MET A 270 10.90 -12.54 14.88
C MET A 270 11.41 -11.24 15.51
N ARG A 271 11.96 -10.34 14.69
CA ARG A 271 12.44 -9.04 15.17
C ARG A 271 11.32 -8.01 15.20
N LEU A 272 10.52 -7.97 14.14
CA LEU A 272 9.64 -6.84 13.90
C LEU A 272 8.42 -7.20 13.08
N PHE A 273 7.25 -6.76 13.55
CA PHE A 273 6.01 -6.82 12.77
C PHE A 273 5.61 -5.41 12.37
N ILE A 274 5.36 -5.20 11.08
CA ILE A 274 4.99 -3.89 10.59
C ILE A 274 3.57 -3.95 10.02
N SER A 275 2.78 -2.91 10.25
CA SER A 275 1.45 -2.82 9.66
C SER A 275 1.33 -1.54 8.85
N GLY A 276 0.65 -1.61 7.70
CA GLY A 276 0.42 -0.44 6.88
C GLY A 276 -0.75 -0.61 5.93
N SER A 277 -1.04 0.45 5.17
CA SER A 277 -1.96 0.42 4.02
C SER A 277 -3.44 0.61 4.38
N ALA A 278 -3.78 0.41 5.64
CA ALA A 278 -5.13 0.65 6.18
C ALA A 278 -4.97 0.83 7.68
N PRO A 279 -6.00 1.33 8.39
CA PRO A 279 -5.87 1.56 9.83
C PRO A 279 -5.69 0.27 10.62
N LEU A 280 -4.62 0.18 11.42
CA LEU A 280 -4.51 -0.87 12.43
C LEU A 280 -5.32 -0.44 13.65
N LEU A 281 -6.42 -1.13 13.93
CA LEU A 281 -7.26 -0.77 15.07
C LEU A 281 -6.49 -0.92 16.38
N ALA A 282 -6.73 -0.02 17.32
CA ALA A 282 -6.00 -0.04 18.57
C ALA A 282 -6.25 -1.33 19.34
N ASP A 283 -7.49 -1.82 19.29
CA ASP A 283 -7.80 -3.12 19.86
C ASP A 283 -6.97 -4.25 19.23
N THR A 284 -6.76 -4.18 17.92
CA THR A 284 -5.95 -5.19 17.26
C THR A 284 -4.50 -5.12 17.78
N HIS A 285 -3.99 -3.91 17.95
CA HIS A 285 -2.64 -3.74 18.44
C HIS A 285 -2.50 -4.38 19.81
N ARG A 286 -3.47 -4.13 20.68
CA ARG A 286 -3.43 -4.65 22.03
C ARG A 286 -3.60 -6.17 22.04
N GLU A 287 -4.45 -6.68 21.17
CA GLU A 287 -4.63 -8.13 21.06
C GLU A 287 -3.34 -8.81 20.63
N TRP A 288 -2.65 -8.22 19.67
CA TRP A 288 -1.36 -8.78 19.23
C TRP A 288 -0.34 -8.81 20.37
N SER A 289 -0.20 -7.72 21.11
CA SER A 289 0.76 -7.69 22.20
CA SER A 289 0.73 -7.67 22.22
C SER A 289 0.34 -8.68 23.30
N ALA A 290 -0.96 -8.77 23.58
CA ALA A 290 -1.44 -9.71 24.58
C ALA A 290 -1.16 -11.17 24.21
N MLY A 291 -1.37 -11.51 22.96
CA MLY A 291 -1.19 -12.88 22.49
CB MLY A 291 -1.97 -13.13 21.21
CG MLY A 291 -2.01 -14.58 20.76
CD MLY A 291 -3.07 -15.37 21.55
CE MLY A 291 -2.98 -16.87 21.26
NZ MLY A 291 -4.11 -17.39 20.43
CH1 MLY A 291 -5.37 -17.05 21.11
CH2 MLY A 291 -4.11 -16.70 19.14
C MLY A 291 0.28 -13.28 22.25
O MLY A 291 0.68 -14.41 22.52
N THR A 292 1.07 -12.34 21.71
CA THR A 292 2.40 -12.68 21.20
C THR A 292 3.53 -11.96 21.92
N GLY A 293 3.20 -10.88 22.61
CA GLY A 293 4.21 -10.08 23.28
C GLY A 293 4.98 -9.15 22.35
N HIS A 294 4.58 -9.08 21.09
CA HIS A 294 5.18 -8.13 20.15
C HIS A 294 4.33 -6.88 20.04
N ALA A 295 4.99 -5.73 19.92
CA ALA A 295 4.33 -4.46 19.65
C ALA A 295 4.40 -4.19 18.14
N VAL A 296 3.24 -4.22 17.47
CA VAL A 296 3.25 -3.97 16.04
C VAL A 296 3.65 -2.52 15.74
N LEU A 297 4.49 -2.34 14.73
CA LEU A 297 4.94 -1.00 14.33
C LEU A 297 4.12 -0.60 13.12
N GLU A 298 3.29 0.43 13.26
CA GLU A 298 2.46 0.89 12.15
C GLU A 298 3.07 2.12 11.48
N ARG A 299 2.95 2.20 10.16
CA ARG A 299 3.37 3.39 9.42
C ARG A 299 2.30 3.77 8.40
N TYR A 300 2.34 5.02 7.95
CA TYR A 300 1.31 5.58 7.09
C TYR A 300 1.92 6.15 5.83
N GLY A 301 1.39 5.72 4.69
CA GLY A 301 1.85 6.22 3.41
C GLY A 301 0.71 6.21 2.41
N MET A 302 0.99 6.68 1.21
CA MET A 302 0.01 6.72 0.14
C MET A 302 0.75 6.43 -1.15
N THR A 303 0.00 6.01 -2.17
CA THR A 303 0.56 5.85 -3.49
C THR A 303 1.33 7.10 -3.91
N GLU A 304 0.74 8.27 -3.69
CA GLU A 304 1.31 9.55 -4.13
C GLU A 304 2.52 10.01 -3.33
N THR A 305 2.67 9.51 -2.11
CA THR A 305 3.68 10.08 -1.22
C THR A 305 4.67 9.07 -0.67
N ASN A 306 4.55 7.80 -1.06
CA ASN A 306 5.31 6.78 -0.36
C ASN A 306 5.07 6.92 1.14
N MET A 307 6.06 6.61 1.98
CA MET A 307 5.76 6.59 3.41
C MET A 307 5.96 7.96 4.04
N ASN A 308 4.98 8.42 4.82
CA ASN A 308 5.02 9.74 5.43
C ASN A 308 5.43 9.73 6.89
N THR A 309 4.84 8.80 7.64
CA THR A 309 5.04 8.72 9.09
C THR A 309 5.26 7.28 9.49
N SER A 310 5.84 7.09 10.67
CA SER A 310 6.02 5.75 11.20
C SER A 310 6.17 5.80 12.70
N ASN A 311 5.56 4.85 13.41
CA ASN A 311 5.92 4.67 14.79
C ASN A 311 7.41 4.33 14.86
N PRO A 312 8.09 4.80 15.92
CA PRO A 312 9.54 4.59 16.04
C PRO A 312 9.87 3.12 16.33
N TYR A 313 11.02 2.68 15.85
CA TYR A 313 11.47 1.33 16.17
C TYR A 313 11.93 1.27 17.62
N ASP A 314 12.54 2.36 18.10
CA ASP A 314 13.13 2.36 19.43
C ASP A 314 12.41 3.33 20.36
N GLY A 315 11.11 3.50 20.14
CA GLY A 315 10.33 4.40 20.98
C GLY A 315 8.94 3.82 21.17
N ASP A 316 8.02 4.61 21.71
CA ASP A 316 6.66 4.13 21.95
C ASP A 316 5.92 3.89 20.64
N ARG A 317 5.37 2.70 20.51
CA ARG A 317 4.56 2.36 19.35
C ARG A 317 3.12 2.45 19.84
N VAL A 318 2.39 3.43 19.32
CA VAL A 318 1.12 3.83 19.96
C VAL A 318 -0.10 3.26 19.26
N PRO A 319 -0.87 2.41 19.96
CA PRO A 319 -2.10 1.89 19.35
C PRO A 319 -2.97 3.02 18.85
N GLY A 320 -3.48 2.92 17.63
CA GLY A 320 -4.36 3.94 17.06
C GLY A 320 -3.66 5.12 16.41
N ALA A 321 -2.33 5.15 16.44
CA ALA A 321 -1.58 6.26 15.86
C ALA A 321 -0.57 5.77 14.83
N VAL A 322 -0.21 6.61 13.87
CA VAL A 322 0.70 6.19 12.80
C VAL A 322 2.11 6.81 12.91
N GLY A 323 2.37 7.44 14.06
CA GLY A 323 3.71 7.92 14.37
C GLY A 323 4.01 9.34 13.88
N PRO A 324 5.18 9.85 14.25
CA PRO A 324 5.58 11.17 13.76
C PRO A 324 6.08 11.10 12.33
N ALA A 325 6.19 12.25 11.69
CA ALA A 325 6.75 12.34 10.34
C ALA A 325 8.14 11.69 10.28
N LEU A 326 8.39 10.93 9.22
CA LEU A 326 9.70 10.34 9.02
C LEU A 326 10.76 11.41 8.79
N PRO A 327 12.03 11.07 9.04
CA PRO A 327 13.13 12.00 8.75
C PRO A 327 13.02 12.49 7.32
N GLY A 328 13.20 13.80 7.13
CA GLY A 328 13.09 14.40 5.80
C GLY A 328 11.67 14.77 5.40
N VAL A 329 10.67 14.25 6.11
CA VAL A 329 9.28 14.51 5.74
C VAL A 329 8.63 15.50 6.71
N SER A 330 7.84 16.42 6.18
CA SER A 330 7.12 17.36 7.01
C SER A 330 5.65 17.01 6.94
N ALA A 331 4.97 17.04 8.08
CA ALA A 331 3.53 16.80 8.14
C ALA A 331 2.89 17.87 8.99
N ARG A 332 1.71 18.33 8.59
CA ARG A 332 0.97 19.33 9.34
C ARG A 332 -0.51 19.11 9.17
N VAL A 333 -1.30 19.74 10.05
CA VAL A 333 -2.75 19.67 9.98
C VAL A 333 -3.33 21.06 9.75
N THR A 334 -4.20 21.17 8.75
CA THR A 334 -4.71 22.48 8.36
C THR A 334 -6.24 22.55 8.37
N ASP A 335 -6.76 23.77 8.44
CA ASP A 335 -8.19 23.95 8.24
C ASP A 335 -8.48 23.50 6.83
N PRO A 336 -9.40 22.54 6.68
CA PRO A 336 -9.60 21.90 5.37
C PRO A 336 -9.87 22.93 4.28
N GLU A 337 -10.65 23.96 4.61
CA GLU A 337 -10.96 25.03 3.67
C GLU A 337 -9.81 26.02 3.50
N THR A 338 -9.64 26.90 4.48
CA THR A 338 -8.69 28.01 4.41
C THR A 338 -7.26 27.55 4.15
N GLY A 339 -6.86 26.45 4.79
CA GLY A 339 -5.53 25.90 4.61
C GLY A 339 -4.55 26.32 5.68
N MLY A 340 -4.99 27.16 6.61
CA MLY A 340 -4.15 27.59 7.72
CB MLY A 340 -4.84 28.67 8.54
CG MLY A 340 -4.88 30.05 7.91
CD MLY A 340 -5.57 31.02 8.86
CE MLY A 340 -5.52 32.45 8.34
NZ MLY A 340 -6.18 33.39 9.30
CH1 MLY A 340 -5.52 34.70 9.11
CH2 MLY A 340 -7.56 33.55 8.84
C MLY A 340 -3.84 26.43 8.65
O MLY A 340 -4.73 25.65 8.99
N GLU A 341 -2.59 26.32 9.09
CA GLU A 341 -2.22 25.27 10.03
C GLU A 341 -2.95 25.46 11.36
N LEU A 342 -3.33 24.34 11.98
CA LEU A 342 -4.09 24.36 13.22
C LEU A 342 -3.20 24.06 14.42
N PRO A 343 -3.62 24.47 15.61
CA PRO A 343 -2.89 24.14 16.85
C PRO A 343 -2.73 22.63 16.98
N ARG A 344 -1.62 22.17 17.56
CA ARG A 344 -1.44 20.74 17.80
C ARG A 344 -2.65 20.21 18.56
N GLY A 345 -3.17 19.08 18.12
CA GLY A 345 -4.30 18.47 18.80
C GLY A 345 -5.64 18.71 18.13
N ASP A 346 -5.70 19.74 17.29
CA ASP A 346 -6.92 20.05 16.54
C ASP A 346 -7.07 19.13 15.33
N ILE A 347 -8.30 18.75 15.01
CA ILE A 347 -8.54 17.89 13.87
C ILE A 347 -8.66 18.70 12.59
N GLY A 348 -7.99 18.24 11.53
CA GLY A 348 -8.11 18.92 10.26
C GLY A 348 -7.53 18.09 9.13
N MET A 349 -7.17 18.74 8.04
CA MET A 349 -6.64 18.05 6.87
C MET A 349 -5.15 17.79 7.06
N ILE A 350 -4.74 16.55 6.87
CA ILE A 350 -3.31 16.23 6.88
C ILE A 350 -2.67 16.60 5.54
N GLU A 351 -1.55 17.32 5.62
CA GLU A 351 -0.79 17.70 4.43
C GLU A 351 0.65 17.31 4.66
N VAL A 352 1.33 16.89 3.60
CA VAL A 352 2.74 16.51 3.74
C VAL A 352 3.61 17.12 2.66
N MLY A 353 4.92 17.22 2.94
CA MLY A 353 5.88 17.76 2.00
CB MLY A 353 6.04 19.26 2.20
CG MLY A 353 6.99 19.91 1.20
CD MLY A 353 7.03 21.44 1.40
CE MLY A 353 8.00 22.10 0.44
NZ MLY A 353 7.91 23.59 0.46
CH1 MLY A 353 7.96 24.03 1.87
CH2 MLY A 353 9.13 24.10 -0.17
C MLY A 353 7.23 17.07 2.23
O MLY A 353 7.61 16.80 3.37
N GLY A 354 7.96 16.79 1.15
CA GLY A 354 9.25 16.13 1.29
C GLY A 354 9.71 15.46 0.02
N PRO A 355 10.90 14.84 0.06
CA PRO A 355 11.49 14.20 -1.13
C PRO A 355 10.73 12.94 -1.51
N ASN A 356 9.88 12.48 -0.59
CA ASN A 356 9.03 11.32 -0.82
C ASN A 356 7.82 11.65 -1.71
N VAL A 357 7.47 12.93 -1.76
CA VAL A 357 6.22 13.35 -2.41
C VAL A 357 6.32 13.37 -3.93
N PHE A 358 5.37 12.73 -4.59
CA PHE A 358 5.37 12.54 -6.04
C PHE A 358 5.34 13.85 -6.84
N MLY A 359 5.55 13.74 -8.14
CA MLY A 359 5.70 14.87 -9.04
CB MLY A 359 6.68 14.51 -10.16
CG MLY A 359 8.00 13.88 -9.66
CD MLY A 359 9.08 14.95 -9.42
CE MLY A 359 8.88 15.72 -8.12
NZ MLY A 359 9.91 16.78 -7.89
CH1 MLY A 359 9.38 18.05 -8.45
CH2 MLY A 359 10.04 16.98 -6.45
C MLY A 359 4.36 15.30 -9.66
O MLY A 359 4.31 16.27 -10.40
N GLY A 360 3.29 14.56 -9.37
CA GLY A 360 1.95 14.92 -9.84
C GLY A 360 1.28 13.77 -10.56
N TYR A 361 0.07 14.00 -11.05
CA TYR A 361 -0.69 12.96 -11.73
C TYR A 361 -0.43 12.96 -13.24
N TRP A 362 -0.25 11.76 -13.80
CA TRP A 362 0.09 11.61 -15.22
C TRP A 362 -0.94 12.27 -16.14
N ARG A 363 -0.50 13.29 -16.86
CA ARG A 363 -1.37 14.01 -17.80
C ARG A 363 -2.65 14.57 -17.16
N MET A 364 -2.54 14.96 -15.89
CA MET A 364 -3.62 15.65 -15.19
C MET A 364 -3.06 16.84 -14.43
N PRO A 365 -2.47 17.80 -15.16
CA PRO A 365 -1.80 18.94 -14.51
C PRO A 365 -2.77 19.81 -13.71
N GLU A 366 -4.03 19.85 -14.13
CA GLU A 366 -5.04 20.65 -13.45
C GLU A 366 -5.40 20.03 -12.10
N MLY A 367 -5.69 18.73 -12.09
CA MLY A 367 -6.00 18.04 -10.84
CB MLY A 367 -6.48 16.62 -11.12
CG MLY A 367 -7.05 15.92 -9.90
CD MLY A 367 -8.44 15.35 -10.22
CE MLY A 367 -9.06 14.66 -9.03
NZ MLY A 367 -10.33 13.99 -9.39
CH1 MLY A 367 -11.29 15.05 -9.74
CH2 MLY A 367 -10.07 13.23 -10.62
C MLY A 367 -4.78 18.00 -9.93
O MLY A 367 -4.90 17.98 -8.71
N THR A 368 -3.59 17.98 -10.54
CA THR A 368 -2.35 18.06 -9.78
C THR A 368 -2.28 19.40 -9.05
N MLY A 369 -2.57 20.49 -9.76
CA MLY A 369 -2.52 21.82 -9.15
CB MLY A 369 -2.85 22.91 -10.19
CG MLY A 369 -1.72 23.22 -11.15
CD MLY A 369 -2.03 24.47 -11.96
CE MLY A 369 -0.87 24.84 -12.88
NZ MLY A 369 -0.99 26.23 -13.38
CH1 MLY A 369 0.27 26.56 -14.07
CH2 MLY A 369 -2.06 26.26 -14.39
C MLY A 369 -3.46 21.97 -7.95
O MLY A 369 -3.11 22.58 -6.95
N SER A 370 -4.66 21.40 -8.07
CA SER A 370 -5.64 21.56 -7.01
C SER A 370 -5.28 20.78 -5.76
N GLU A 371 -4.38 19.80 -5.88
CA GLU A 371 -4.02 18.97 -4.73
C GLU A 371 -2.77 19.43 -4.00
N PHE A 372 -2.18 20.52 -4.48
CA PHE A 372 -1.01 21.10 -3.81
C PHE A 372 -1.31 22.52 -3.34
N ARG A 373 -0.87 22.82 -2.13
CA ARG A 373 -0.94 24.18 -1.59
C ARG A 373 0.12 25.03 -2.27
N ASP A 374 -0.03 26.35 -2.16
CA ASP A 374 0.92 27.28 -2.78
C ASP A 374 2.36 27.04 -2.31
N ASP A 375 2.52 26.63 -1.05
CA ASP A 375 3.86 26.41 -0.50
C ASP A 375 4.39 24.99 -0.74
N GLY A 376 3.70 24.23 -1.58
CA GLY A 376 4.21 22.94 -2.01
C GLY A 376 3.78 21.74 -1.19
N PHE A 377 3.02 21.96 -0.12
CA PHE A 377 2.47 20.84 0.65
C PHE A 377 1.40 20.13 -0.17
N PHE A 378 1.37 18.80 -0.07
CA PHE A 378 0.38 17.97 -0.73
C PHE A 378 -0.79 17.68 0.20
N ILE A 379 -2.00 17.91 -0.28
CA ILE A 379 -3.23 17.64 0.47
C ILE A 379 -3.53 16.15 0.42
N THR A 380 -3.43 15.44 1.55
CA THR A 380 -3.55 13.98 1.53
C THR A 380 -4.99 13.55 1.27
N GLY A 381 -5.93 14.36 1.71
CA GLY A 381 -7.34 13.99 1.67
C GLY A 381 -7.70 13.19 2.90
N ASP A 382 -6.73 13.01 3.81
CA ASP A 382 -6.95 12.30 5.06
C ASP A 382 -7.12 13.29 6.21
N LEU A 383 -8.15 13.10 7.03
CA LEU A 383 -8.37 13.94 8.20
C LEU A 383 -7.68 13.37 9.43
N GLY A 384 -7.13 14.23 10.28
CA GLY A 384 -6.50 13.76 11.50
C GLY A 384 -6.01 14.87 12.41
N MLY A 385 -5.11 14.51 13.33
CA MLY A 385 -4.52 15.49 14.23
CB MLY A 385 -5.32 15.60 15.53
CG MLY A 385 -5.34 14.30 16.32
CD MLY A 385 -6.02 14.42 17.67
CE MLY A 385 -6.39 13.03 18.16
NZ MLY A 385 -6.54 12.93 19.63
CH1 MLY A 385 -7.56 13.90 20.04
CH2 MLY A 385 -7.07 11.58 19.87
C MLY A 385 -3.12 15.06 14.57
O MLY A 385 -2.77 13.89 14.42
N ILE A 386 -2.32 16.01 15.04
CA ILE A 386 -0.97 15.72 15.47
C ILE A 386 -0.90 16.04 16.95
N ASP A 387 -0.50 15.06 17.76
CA ASP A 387 -0.54 15.27 19.22
C ASP A 387 0.68 16.03 19.70
N GLU A 388 0.75 16.27 21.00
CA GLU A 388 1.81 17.07 21.59
C GLU A 388 3.19 16.45 21.33
N ARG A 389 3.24 15.13 21.20
CA ARG A 389 4.51 14.45 20.95
C ARG A 389 4.87 14.36 19.47
N GLY A 390 4.00 14.88 18.61
CA GLY A 390 4.25 14.86 17.18
C GLY A 390 3.73 13.62 16.46
N TYR A 391 3.09 12.72 17.20
CA TYR A 391 2.49 11.54 16.57
C TYR A 391 1.25 11.96 15.79
N VAL A 392 1.17 11.49 14.55
CA VAL A 392 -0.01 11.72 13.72
C VAL A 392 -1.06 10.67 14.02
N HIS A 393 -2.31 11.11 14.12
CA HIS A 393 -3.46 10.23 14.30
C HIS A 393 -4.40 10.45 13.12
N ILE A 394 -4.74 9.38 12.41
CA ILE A 394 -5.68 9.50 11.29
C ILE A 394 -7.10 9.18 11.74
N LEU A 395 -8.01 10.13 11.54
CA LEU A 395 -9.39 9.94 11.94
C LEU A 395 -10.25 9.33 10.84
N GLY A 396 -9.87 9.56 9.59
CA GLY A 396 -10.62 9.01 8.47
C GLY A 396 -10.31 9.77 7.20
N ARG A 397 -10.87 9.31 6.09
CA ARG A 397 -10.76 10.04 4.84
C ARG A 397 -11.73 11.22 4.91
N GLY A 398 -11.38 12.33 4.24
CA GLY A 398 -12.27 13.47 4.17
C GLY A 398 -13.69 13.09 3.75
N MLY A 399 -13.81 12.16 2.81
CA MLY A 399 -15.14 11.76 2.32
CB MLY A 399 -15.04 11.00 1.00
CG MLY A 399 -14.73 11.87 -0.20
CD MLY A 399 -15.39 11.32 -1.45
CE MLY A 399 -15.22 12.26 -2.63
NZ MLY A 399 -16.19 11.96 -3.72
CH1 MLY A 399 -17.14 13.09 -3.74
CH2 MLY A 399 -15.45 12.00 -4.98
C MLY A 399 -15.91 10.93 3.34
O MLY A 399 -17.09 10.64 3.13
N ASP A 400 -15.25 10.54 4.41
CA ASP A 400 -15.89 9.70 5.44
C ASP A 400 -16.51 10.53 6.54
N LEU A 401 -16.18 11.81 6.57
CA LEU A 401 -16.82 12.73 7.50
C LEU A 401 -18.31 12.71 7.23
N VAL A 402 -19.12 12.65 8.28
CA VAL A 402 -20.57 12.76 8.13
C VAL A 402 -21.06 14.09 8.66
N ILE A 403 -21.75 14.84 7.83
CA ILE A 403 -22.34 16.11 8.26
C ILE A 403 -23.84 15.93 8.41
N THR A 404 -24.33 16.12 9.63
CA THR A 404 -25.72 15.80 9.97
C THR A 404 -26.26 16.80 10.98
N GLY A 405 -27.45 17.34 10.70
CA GLY A 405 -28.07 18.32 11.58
C GLY A 405 -27.15 19.47 11.96
N GLY A 406 -26.28 19.87 11.05
CA GLY A 406 -25.38 20.98 11.29
C GLY A 406 -24.08 20.59 11.97
N PHE A 407 -23.92 19.31 12.31
CA PHE A 407 -22.73 18.87 13.04
C PHE A 407 -21.77 18.02 12.20
N ASN A 408 -20.48 18.22 12.44
CA ASN A 408 -19.44 17.33 11.95
C ASN A 408 -19.41 16.07 12.83
N VAL A 409 -19.62 14.92 12.21
CA VAL A 409 -19.58 13.67 12.95
C VAL A 409 -18.48 12.76 12.40
N TYR A 410 -17.51 12.44 13.26
CA TYR A 410 -16.38 11.59 12.89
C TYR A 410 -16.70 10.15 13.22
N PRO A 411 -16.68 9.27 12.20
CA PRO A 411 -17.17 7.90 12.33
C PRO A 411 -16.33 6.99 13.24
N MLY A 412 -15.02 7.20 13.30
CA MLY A 412 -14.17 6.23 13.96
CB MLY A 412 -12.68 6.57 13.79
CG MLY A 412 -11.79 5.37 14.07
CD MLY A 412 -10.29 5.68 13.88
CE MLY A 412 -9.48 4.44 14.18
NZ MLY A 412 -8.03 4.61 13.90
CH1 MLY A 412 -7.49 5.45 14.97
CH2 MLY A 412 -7.43 3.27 14.03
C MLY A 412 -14.50 6.01 15.45
O MLY A 412 -14.52 4.88 15.92
N GLU A 413 -14.78 7.09 16.18
CA GLU A 413 -15.06 6.93 17.61
C GLU A 413 -16.38 6.19 17.85
N ILE A 414 -17.30 6.33 16.90
CA ILE A 414 -18.55 5.56 16.96
C ILE A 414 -18.25 4.09 16.68
N GLU A 415 -17.46 3.84 15.64
CA GLU A 415 -17.08 2.47 15.31
C GLU A 415 -16.39 1.80 16.51
N SER A 416 -15.51 2.54 17.17
CA SER A 416 -14.79 2.02 18.34
C SER A 416 -15.75 1.59 19.44
N GLU A 417 -16.78 2.40 19.67
CA GLU A 417 -17.81 2.06 20.66
C GLU A 417 -18.56 0.81 20.24
N ILE A 418 -18.99 0.75 18.99
CA ILE A 418 -19.73 -0.41 18.52
C ILE A 418 -18.86 -1.66 18.54
N ASP A 419 -17.61 -1.54 18.11
CA ASP A 419 -16.70 -2.69 18.07
C ASP A 419 -16.51 -3.30 19.46
N ALA A 420 -16.62 -2.47 20.49
CA ALA A 420 -16.33 -2.91 21.85
C ALA A 420 -17.49 -3.71 22.47
N MET A 421 -18.63 -3.70 21.80
CA MET A 421 -19.81 -4.40 22.29
C MET A 421 -19.68 -5.90 22.09
N PRO A 422 -20.12 -6.70 23.07
CA PRO A 422 -20.04 -8.15 22.99
C PRO A 422 -20.88 -8.69 21.84
N GLY A 423 -20.25 -9.43 20.93
CA GLY A 423 -20.96 -9.99 19.79
C GLY A 423 -20.63 -9.28 18.49
N VAL A 424 -19.88 -8.20 18.58
CA VAL A 424 -19.49 -7.45 17.38
C VAL A 424 -18.08 -7.77 16.92
N VAL A 425 -17.95 -8.08 15.62
CA VAL A 425 -16.65 -8.26 15.01
C VAL A 425 -16.07 -6.91 14.62
N GLU A 426 -16.76 -6.20 13.72
CA GLU A 426 -16.37 -4.86 13.37
C GLU A 426 -17.53 -4.09 12.76
N SER A 427 -17.38 -2.78 12.65
CA SER A 427 -18.46 -1.92 12.20
C SER A 427 -17.90 -0.82 11.32
N ALA A 428 -18.74 -0.33 10.42
CA ALA A 428 -18.39 0.80 9.58
C ALA A 428 -19.51 1.80 9.66
N VAL A 429 -19.19 3.02 10.05
CA VAL A 429 -20.21 4.05 10.16
C VAL A 429 -20.10 5.00 8.99
N ILE A 430 -21.22 5.18 8.29
CA ILE A 430 -21.25 6.00 7.09
C ILE A 430 -22.39 7.01 7.19
N GLY A 431 -22.43 7.92 6.21
CA GLY A 431 -23.52 8.85 6.09
C GLY A 431 -24.15 8.72 4.73
N VAL A 432 -25.48 8.67 4.68
CA VAL A 432 -26.19 8.68 3.41
C VAL A 432 -27.32 9.71 3.49
N PRO A 433 -27.80 10.18 2.34
CA PRO A 433 -28.76 11.29 2.34
C PRO A 433 -29.95 11.04 3.25
N HIS A 434 -30.32 12.07 4.02
CA HIS A 434 -31.50 12.02 4.87
C HIS A 434 -32.19 13.37 4.79
N ALA A 435 -33.47 13.36 4.41
CA ALA A 435 -34.21 14.59 4.16
C ALA A 435 -34.29 15.50 5.38
N ASP A 436 -34.34 14.93 6.58
CA ASP A 436 -34.51 15.71 7.79
C ASP A 436 -33.18 16.15 8.43
N PHE A 437 -32.09 15.47 8.10
CA PHE A 437 -30.82 15.73 8.77
C PHE A 437 -29.62 15.92 7.85
N GLY A 438 -29.86 16.04 6.55
CA GLY A 438 -28.76 16.16 5.59
C GLY A 438 -28.17 14.81 5.27
N GLU A 439 -27.42 14.26 6.22
CA GLU A 439 -26.99 12.87 6.16
C GLU A 439 -27.54 12.12 7.36
N GLY A 440 -27.83 10.83 7.18
CA GLY A 440 -28.18 9.96 8.28
C GLY A 440 -27.02 9.06 8.64
N VAL A 441 -26.46 9.26 9.84
CA VAL A 441 -25.43 8.38 10.37
C VAL A 441 -25.97 6.96 10.41
N THR A 442 -25.27 6.06 9.74
CA THR A 442 -25.74 4.70 9.55
C THR A 442 -24.62 3.73 9.91
N ALA A 443 -24.94 2.76 10.74
CA ALA A 443 -23.93 1.80 11.20
C ALA A 443 -24.11 0.47 10.49
N VAL A 444 -23.06 0.04 9.81
CA VAL A 444 -23.06 -1.26 9.13
C VAL A 444 -22.17 -2.19 9.95
N VAL A 445 -22.75 -3.28 10.43
CA VAL A 445 -22.09 -4.05 11.48
C VAL A 445 -21.98 -5.54 11.15
N VAL A 446 -20.82 -6.11 11.41
CA VAL A 446 -20.60 -7.56 11.28
C VAL A 446 -20.59 -8.14 12.67
N ARG A 447 -21.46 -9.11 12.93
CA ARG A 447 -21.51 -9.73 14.25
C ARG A 447 -20.96 -11.16 14.23
N ASP A 448 -20.70 -11.70 15.41
CA ASP A 448 -20.27 -13.09 15.53
C ASP A 448 -21.39 -14.02 15.12
N MLY A 449 -21.04 -15.24 14.70
CA MLY A 449 -22.04 -16.26 14.43
CB MLY A 449 -21.39 -17.53 13.88
CG MLY A 449 -22.35 -18.71 13.72
CD MLY A 449 -23.16 -18.63 12.42
CE MLY A 449 -24.10 -19.83 12.28
NZ MLY A 449 -24.80 -19.90 10.96
CH1 MLY A 449 -25.41 -21.24 10.87
CH2 MLY A 449 -25.90 -18.94 10.97
C MLY A 449 -22.77 -16.56 15.74
O MLY A 449 -22.13 -16.84 16.75
N GLY A 450 -24.09 -16.46 15.72
CA GLY A 450 -24.89 -16.78 16.88
C GLY A 450 -25.00 -15.69 17.93
N ALA A 451 -24.30 -14.57 17.73
CA ALA A 451 -24.41 -13.44 18.66
C ALA A 451 -25.84 -12.91 18.65
N THR A 452 -26.32 -12.47 19.80
CA THR A 452 -27.70 -12.03 19.93
C THR A 452 -27.87 -10.54 19.67
N ILE A 453 -26.78 -9.79 19.76
CA ILE A 453 -26.85 -8.33 19.70
C ILE A 453 -27.66 -7.86 18.50
N ASP A 454 -28.59 -6.92 18.75
CA ASP A 454 -29.43 -6.41 17.69
C ASP A 454 -29.39 -4.89 17.63
N GLU A 455 -30.17 -4.31 16.73
CA GLU A 455 -30.13 -2.86 16.52
C GLU A 455 -30.41 -2.09 17.81
N ALA A 456 -31.51 -2.44 18.48
CA ALA A 456 -31.91 -1.75 19.69
C ALA A 456 -30.82 -1.84 20.74
N GLN A 457 -30.24 -3.03 20.86
CA GLN A 457 -29.16 -3.27 21.79
C GLN A 457 -27.96 -2.37 21.48
N VAL A 458 -27.63 -2.24 20.20
CA VAL A 458 -26.52 -1.38 19.78
C VAL A 458 -26.80 0.11 20.04
N LEU A 459 -27.98 0.60 19.65
CA LEU A 459 -28.32 1.99 19.86
C LEU A 459 -28.40 2.35 21.34
N HIS A 460 -28.94 1.44 22.14
CA HIS A 460 -29.01 1.66 23.57
C HIS A 460 -27.61 1.76 24.16
N GLY A 461 -26.73 0.86 23.74
CA GLY A 461 -25.35 0.87 24.18
C GLY A 461 -24.64 2.18 23.86
N LEU A 462 -24.98 2.78 22.73
CA LEU A 462 -24.37 4.03 22.32
C LEU A 462 -25.00 5.21 23.04
N ASP A 463 -26.29 5.08 23.34
CA ASP A 463 -27.07 6.17 23.92
C ASP A 463 -26.38 6.78 25.16
N GLY A 464 -25.79 5.92 25.99
CA GLY A 464 -25.17 6.38 27.21
C GLY A 464 -23.71 6.78 27.08
N GLN A 465 -23.20 6.83 25.85
CA GLN A 465 -21.79 7.13 25.62
C GLN A 465 -21.59 8.23 24.58
N LEU A 466 -22.64 8.56 23.84
CA LEU A 466 -22.51 9.34 22.63
C LEU A 466 -23.50 10.50 22.61
N ALA A 467 -23.04 11.67 22.18
CA ALA A 467 -23.93 12.83 22.02
C ALA A 467 -25.06 12.47 21.06
N MLY A 468 -26.24 13.05 21.31
CA MLY A 468 -27.43 12.70 20.54
CB MLY A 468 -28.63 13.50 21.04
CG MLY A 468 -29.98 12.90 20.68
CD MLY A 468 -31.10 13.76 21.27
CE MLY A 468 -32.47 13.15 21.02
NZ MLY A 468 -33.54 13.96 21.68
CH1 MLY A 468 -34.79 13.68 20.96
CH2 MLY A 468 -33.71 13.42 23.03
C MLY A 468 -27.24 12.90 19.03
O MLY A 468 -27.67 12.06 18.23
N PHE A 469 -26.60 13.99 18.63
CA PHE A 469 -26.44 14.29 17.21
C PHE A 469 -25.51 13.29 16.51
N MLY A 470 -24.78 12.50 17.29
CA MLY A 470 -23.87 11.51 16.75
CB MLY A 470 -22.59 11.46 17.59
CG MLY A 470 -21.65 12.62 17.33
CD MLY A 470 -20.95 13.09 18.60
CE MLY A 470 -19.76 12.22 18.96
NZ MLY A 470 -18.86 12.90 19.93
CH1 MLY A 470 -18.53 14.21 19.38
CH2 MLY A 470 -19.62 13.10 21.16
C MLY A 470 -24.48 10.11 16.64
O MLY A 470 -23.87 9.18 16.12
N MET A 471 -25.71 9.96 17.14
CA MET A 471 -26.36 8.65 17.16
C MET A 471 -26.74 8.11 15.79
N PRO A 472 -26.34 6.86 15.47
CA PRO A 472 -26.81 6.28 14.23
C PRO A 472 -28.34 6.30 14.16
N MLY A 473 -28.89 6.59 12.98
CA MLY A 473 -30.33 6.51 12.77
CB MLY A 473 -30.78 7.41 11.62
CG MLY A 473 -30.43 8.89 11.82
CD MLY A 473 -30.92 9.41 13.16
CE MLY A 473 -30.50 10.86 13.36
NZ MLY A 473 -30.82 11.36 14.74
CH1 MLY A 473 -30.05 10.55 15.69
CH2 MLY A 473 -30.27 12.72 14.82
C MLY A 473 -30.77 5.06 12.52
O MLY A 473 -31.91 4.70 12.76
N MLY A 474 -29.84 4.22 12.07
CA MLY A 474 -30.17 2.80 12.03
CB MLY A 474 -31.15 2.45 10.91
CG MLY A 474 -30.55 2.27 9.54
CD MLY A 474 -31.60 1.67 8.59
CE MLY A 474 -32.61 2.71 8.12
NZ MLY A 474 -34.04 2.29 8.14
CH1 MLY A 474 -34.70 2.96 7.00
CH2 MLY A 474 -34.11 0.85 7.89
C MLY A 474 -28.93 1.93 11.98
O MLY A 474 -27.85 2.40 11.62
N VAL A 475 -29.09 0.67 12.38
CA VAL A 475 -28.00 -0.29 12.35
C VAL A 475 -28.36 -1.34 11.31
N ILE A 476 -27.41 -1.65 10.44
CA ILE A 476 -27.61 -2.67 9.42
C ILE A 476 -26.57 -3.77 9.60
N PHE A 477 -27.01 -4.98 9.92
CA PHE A 477 -26.09 -6.10 10.08
C PHE A 477 -25.83 -6.79 8.74
N VAL A 478 -24.55 -7.09 8.46
CA VAL A 478 -24.19 -7.75 7.20
C VAL A 478 -23.22 -8.91 7.44
N ASP A 479 -23.11 -9.81 6.47
CA ASP A 479 -22.19 -10.94 6.62
C ASP A 479 -20.74 -10.48 6.70
N ASP A 480 -20.40 -9.47 5.90
CA ASP A 480 -19.05 -8.92 5.92
C ASP A 480 -19.00 -7.55 5.25
N LEU A 481 -17.96 -6.78 5.55
CA LEU A 481 -17.79 -5.48 4.94
C LEU A 481 -17.05 -5.62 3.61
N PRO A 482 -17.41 -4.79 2.62
CA PRO A 482 -16.68 -4.80 1.34
C PRO A 482 -15.27 -4.27 1.51
N ARG A 483 -14.29 -4.98 0.96
CA ARG A 483 -12.88 -4.60 1.03
C ARG A 483 -12.24 -4.72 -0.34
N ASN A 484 -11.26 -3.86 -0.63
CA ASN A 484 -10.51 -4.00 -1.88
C ASN A 484 -9.41 -5.04 -1.73
N THR A 485 -8.64 -5.26 -2.79
CA THR A 485 -7.66 -6.34 -2.79
C THR A 485 -6.54 -6.16 -1.77
N MET A 486 -6.38 -4.95 -1.23
CA MET A 486 -5.37 -4.69 -0.20
C MET A 486 -5.96 -4.69 1.21
N GLY A 487 -7.25 -5.01 1.33
CA GLY A 487 -7.88 -5.19 2.63
C GLY A 487 -8.53 -3.96 3.23
N ALA A 488 -8.61 -2.88 2.48
CA ALA A 488 -9.22 -1.65 2.96
C ALA A 488 -10.74 -1.70 2.83
N VAL A 489 -11.45 -1.26 3.87
CA VAL A 489 -12.91 -1.20 3.84
C VAL A 489 -13.38 -0.16 2.82
N GLN A 490 -14.30 -0.53 1.93
CA GLN A 490 -14.75 0.38 0.89
CA GLN A 490 -14.76 0.35 0.88
C GLN A 490 -16.06 1.08 1.28
N MLY A 491 -15.92 2.21 1.95
CA MLY A 491 -17.09 2.97 2.38
CB MLY A 491 -16.70 4.01 3.43
CG MLY A 491 -16.25 3.36 4.70
CD MLY A 491 -16.12 4.33 5.85
CE MLY A 491 -16.40 3.56 7.12
NZ MLY A 491 -15.62 4.04 8.25
CH1 MLY A 491 -14.21 3.87 7.83
CH2 MLY A 491 -15.89 5.47 8.32
C MLY A 491 -17.77 3.63 1.20
O MLY A 491 -18.95 3.97 1.27
N ASN A 492 -17.02 3.80 0.13
CA ASN A 492 -17.58 4.24 -1.13
C ASN A 492 -18.63 3.24 -1.60
N VAL A 493 -18.31 1.95 -1.48
CA VAL A 493 -19.25 0.89 -1.85
C VAL A 493 -20.48 0.89 -0.94
N LEU A 494 -20.25 1.03 0.36
CA LEU A 494 -21.36 1.05 1.32
C LEU A 494 -22.29 2.24 1.06
N ARG A 495 -21.72 3.44 0.93
CA ARG A 495 -22.54 4.61 0.67
C ARG A 495 -23.42 4.42 -0.58
N GLU A 496 -22.88 3.75 -1.58
CA GLU A 496 -23.63 3.50 -2.81
C GLU A 496 -24.72 2.46 -2.59
N THR A 497 -24.37 1.39 -1.89
CA THR A 497 -25.33 0.32 -1.60
C THR A 497 -26.55 0.83 -0.82
N TYR A 498 -26.33 1.71 0.15
CA TYR A 498 -27.41 2.12 1.05
C TYR A 498 -27.91 3.55 0.82
N MLY A 499 -27.52 4.14 -0.30
CA MLY A 499 -27.83 5.54 -0.57
CB MLY A 499 -27.37 5.92 -1.98
CG MLY A 499 -28.14 5.20 -3.07
CD MLY A 499 -27.56 5.43 -4.45
CE MLY A 499 -28.23 4.53 -5.47
NZ MLY A 499 -27.62 4.62 -6.83
CH1 MLY A 499 -28.25 3.56 -7.64
CH2 MLY A 499 -28.04 5.90 -7.39
C MLY A 499 -29.32 5.87 -0.43
O MLY A 499 -29.68 7.00 -0.12
N ASP A 500 -30.19 4.87 -0.63
CA ASP A 500 -31.65 5.11 -0.67
C ASP A 500 -32.42 4.67 0.56
N ILE A 501 -31.73 4.28 1.63
CA ILE A 501 -32.43 3.70 2.78
C ILE A 501 -33.39 4.67 3.48
N TYR A 502 -33.11 5.97 3.40
CA TYR A 502 -33.97 6.95 4.07
C TYR A 502 -34.95 7.61 3.11
N MLY A 503 -35.01 7.11 1.87
CA MLY A 503 -35.93 7.66 0.89
CB MLY A 503 -35.63 7.13 -0.52
CG MLY A 503 -34.67 8.00 -1.32
CD MLY A 503 -35.13 8.11 -2.78
CE MLY A 503 -35.25 6.75 -3.44
NZ MLY A 503 -35.74 6.84 -4.85
CH1 MLY A 503 -34.77 7.65 -5.60
CH2 MLY A 503 -35.66 5.48 -5.40
C MLY A 503 -37.38 7.35 1.26
O MLY A 503 -37.70 6.25 1.73
OXT MLY A 503 -38.26 8.20 1.11
C1 GOL B . 23.41 4.51 -0.12
O1 GOL B . 24.18 3.33 -0.18
C2 GOL B . 23.28 5.08 -1.53
O2 GOL B . 23.94 6.32 -1.62
C3 GOL B . 23.87 4.09 -2.53
O3 GOL B . 23.73 4.62 -3.82
C1 GOL C . 3.63 21.21 -6.46
O1 GOL C . 4.00 22.55 -6.20
C2 GOL C . 3.82 20.88 -7.94
O2 GOL C . 4.66 19.74 -8.04
C3 GOL C . 2.47 20.59 -8.60
O3 GOL C . 1.82 21.78 -8.99
C1 GOL D . -8.48 3.08 21.51
O1 GOL D . -9.74 3.71 21.60
C2 GOL D . -7.37 4.12 21.52
O2 GOL D . -6.26 3.64 22.25
C3 GOL D . -6.93 4.46 20.08
O3 GOL D . -8.02 4.49 19.20
C1 GOL E . 10.30 16.88 10.15
O1 GOL E . 9.25 16.57 11.06
C2 GOL E . 11.00 15.61 9.67
O2 GOL E . 10.73 14.56 10.57
C3 GOL E . 12.51 15.82 9.56
O3 GOL E . 12.77 16.79 8.58
C1 GOL F . -3.90 -8.60 1.15
O1 GOL F . -3.01 -8.92 0.09
C2 GOL F . -5.09 -9.54 1.09
O2 GOL F . -4.90 -10.59 2.02
C3 GOL F . -6.39 -8.80 1.35
O3 GOL F . -6.34 -8.12 2.60
C1 GOL G . 14.27 12.24 -21.83
O1 GOL G . 15.44 11.90 -21.12
C2 GOL G . 13.03 12.01 -20.95
O2 GOL G . 13.40 11.34 -19.77
C3 GOL G . 12.02 11.17 -21.72
O3 GOL G . 10.74 11.34 -21.15
MG MG H . -5.98 8.22 -2.28
PG ATP I . -7.63 6.32 -4.28
O1G ATP I . -8.92 6.83 -3.66
O2G ATP I . -7.72 5.88 -5.71
O3G ATP I . -6.49 7.28 -4.11
PB ATP I . -6.55 4.89 -2.00
O1B ATP I . -6.41 6.28 -1.43
O2B ATP I . -7.10 3.82 -1.11
O3B ATP I . -7.31 4.97 -3.42
PA ATP I . -3.81 4.06 -1.57
O1A ATP I . -2.72 5.02 -1.98
O2A ATP I . -3.52 2.58 -1.60
O3A ATP I . -5.09 4.39 -2.51
O5' ATP I . -4.26 4.36 -0.07
C5' ATP I . -3.64 5.37 0.71
C4' ATP I . -4.71 5.77 1.73
O4' ATP I . -4.94 4.69 2.61
C3' ATP I . -4.30 6.92 2.63
O3' ATP I . -4.56 8.15 1.96
C2' ATP I . -5.13 6.66 3.86
O2' ATP I . -6.48 7.12 3.70
C1' ATP I . -5.20 5.15 3.92
N9 ATP I . -4.16 4.62 4.84
C8 ATP I . -2.96 4.10 4.48
N7 ATP I . -2.26 3.71 5.56
C5 ATP I . -3.01 3.97 6.65
C6 ATP I . -2.85 3.82 8.11
N6 ATP I . -1.75 3.26 8.66
N1 ATP I . -3.87 4.23 8.89
C2 ATP I . -4.99 4.78 8.36
N3 ATP I . -5.19 4.95 7.05
C4 ATP I . -4.26 4.58 6.17
#